data_2ZXL
#
_entry.id   2ZXL
#
_cell.length_a   52.286
_cell.length_b   68.140
_cell.length_c   83.273
_cell.angle_alpha   90.00
_cell.angle_beta   95.32
_cell.angle_gamma   90.00
#
_symmetry.space_group_name_H-M   'P 1 21 1'
#
loop_
_entity.id
_entity.type
_entity.pdbx_description
1 polymer 'Red chlorophyll catabolite reductase, chloroplastic'
2 non-polymer 'SODIUM ION'
3 non-polymer 'SULFATE ION'
4 water water
#
_entity_poly.entity_id   1
_entity_poly.type   'polypeptide(L)'
_entity_poly.pdbx_seq_one_letter_code
;GPLGSSMEDHDDHLRRKFMEFPYVSPTRKQLMVDLMSTVENRLQSQLLPCNLPPDVRNFNNPNGSAEASLHIRSGDKSSP
IDFVIGSWIHCKIPTGVSLNITSISGFLNSSTKAPNFVVELIQSSSKSLVLILDLPHRKDLVLNPDYLKEYYQDTALDSH
RQSLLKLPEVNPYVSPSLFVRSAFSPTASMLKIDAEEEDKLEEILRDHVSPAAKEVLEVWLERCVKEEEEKIVVGEEERM
ELERRDKSFRRKSIEDDLDLQFPRMFGEEVSSRVVHAIKEAFGVL
;
_entity_poly.pdbx_strand_id   A,B
#
loop_
_chem_comp.id
_chem_comp.type
_chem_comp.name
_chem_comp.formula
NA non-polymer 'SODIUM ION' 'Na 1'
SO4 non-polymer 'SULFATE ION' 'O4 S -2'
#
# COMPACT_ATOMS: atom_id res chain seq x y z
N GLY A 1 -6.06 -48.04 11.44
CA GLY A 1 -6.03 -48.49 10.02
C GLY A 1 -4.90 -49.47 9.71
N PRO A 2 -4.95 -50.11 8.53
CA PRO A 2 -3.81 -50.95 8.15
C PRO A 2 -2.52 -50.14 7.99
N LEU A 3 -2.61 -48.97 7.37
CA LEU A 3 -1.44 -48.12 7.10
C LEU A 3 -1.21 -46.95 8.06
N GLY A 4 -1.82 -46.98 9.25
CA GLY A 4 -1.67 -45.86 10.18
C GLY A 4 -2.82 -45.68 11.15
N SER A 5 -2.82 -44.51 11.83
CA SER A 5 -3.74 -44.26 12.93
C SER A 5 -4.60 -42.96 12.83
N SER A 6 -4.79 -42.44 11.61
CA SER A 6 -5.62 -41.24 11.37
C SER A 6 -7.06 -41.39 11.85
N MET A 7 -7.61 -42.60 11.72
CA MET A 7 -9.02 -42.88 12.03
C MET A 7 -9.13 -43.44 13.44
N GLU A 8 -8.03 -43.33 14.18
CA GLU A 8 -7.96 -43.73 15.58
C GLU A 8 -7.58 -42.55 16.48
N ASP A 9 -6.44 -41.92 16.22
CA ASP A 9 -6.00 -40.76 16.99
C ASP A 9 -6.97 -39.60 16.81
N HIS A 10 -7.49 -39.10 17.93
CA HIS A 10 -8.50 -38.02 17.95
C HIS A 10 -8.05 -36.70 17.32
N ASP A 11 -6.78 -36.33 17.53
CA ASP A 11 -6.24 -35.08 16.99
C ASP A 11 -6.22 -35.15 15.49
N ASP A 12 -5.71 -36.27 14.97
CA ASP A 12 -5.62 -36.46 13.52
C ASP A 12 -7.00 -36.48 12.87
N HIS A 13 -7.97 -37.03 13.62
CA HIS A 13 -9.33 -37.18 13.12
C HIS A 13 -10.14 -35.89 13.19
N LEU A 14 -9.81 -35.03 14.15
CA LEU A 14 -10.47 -33.72 14.28
C LEU A 14 -10.17 -32.81 13.08
N ARG A 15 -9.02 -33.04 12.45
CA ARG A 15 -8.62 -32.28 11.28
C ARG A 15 -8.91 -33.02 9.97
N ARG A 16 -9.47 -34.23 10.07
CA ARG A 16 -9.75 -35.02 8.88
C ARG A 16 -10.82 -34.36 8.05
N LYS A 17 -11.86 -33.86 8.72
CA LYS A 17 -12.90 -33.11 8.03
C LYS A 17 -12.35 -31.80 7.49
N PHE A 18 -11.60 -31.06 8.31
CA PHE A 18 -10.97 -29.84 7.81
C PHE A 18 -10.16 -30.11 6.54
N MET A 19 -9.31 -31.14 6.58
CA MET A 19 -8.44 -31.49 5.43
C MET A 19 -9.15 -32.14 4.25
N GLU A 20 -10.43 -32.51 4.42
CA GLU A 20 -11.22 -33.06 3.31
C GLU A 20 -11.42 -32.08 2.15
N PHE A 21 -11.44 -30.77 2.46
CA PHE A 21 -11.73 -29.68 1.50
C PHE A 21 -12.77 -30.10 0.46
N PRO A 22 -13.99 -30.47 0.92
CA PRO A 22 -14.94 -31.13 0.03
C PRO A 22 -15.37 -30.33 -1.20
N TYR A 23 -15.46 -29.01 -1.07
CA TYR A 23 -16.15 -28.21 -2.08
C TYR A 23 -15.27 -27.58 -3.17
N VAL A 24 -13.98 -27.90 -3.16
CA VAL A 24 -13.02 -27.35 -4.14
C VAL A 24 -12.44 -28.43 -5.04
N SER A 25 -11.78 -28.00 -6.12
CA SER A 25 -11.14 -28.90 -7.07
C SER A 25 -9.97 -29.69 -6.45
N PRO A 26 -9.57 -30.82 -7.08
CA PRO A 26 -8.37 -31.60 -6.75
C PRO A 26 -7.12 -30.75 -6.54
N THR A 27 -6.84 -29.87 -7.53
CA THR A 27 -5.66 -29.02 -7.52
C THR A 27 -5.72 -28.00 -6.37
N ARG A 28 -6.92 -27.54 -6.07
CA ARG A 28 -7.12 -26.57 -5.02
C ARG A 28 -7.01 -27.19 -3.64
N LYS A 29 -7.72 -28.29 -3.40
CA LYS A 29 -7.53 -28.94 -2.10
C LYS A 29 -6.08 -29.47 -1.94
N GLN A 30 -5.44 -29.88 -3.03
CA GLN A 30 -4.06 -30.34 -2.97
C GLN A 30 -3.06 -29.26 -2.51
N LEU A 31 -3.21 -28.04 -3.01
CA LEU A 31 -2.38 -26.94 -2.55
C LEU A 31 -2.58 -26.70 -1.06
N MET A 32 -3.83 -26.73 -0.63
CA MET A 32 -4.18 -26.39 0.75
C MET A 32 -3.73 -27.46 1.72
N VAL A 33 -3.90 -28.71 1.32
CA VAL A 33 -3.42 -29.86 2.09
C VAL A 33 -1.91 -29.72 2.35
N ASP A 34 -1.16 -29.42 1.28
CA ASP A 34 0.31 -29.34 1.26
C ASP A 34 0.81 -28.20 2.10
N LEU A 35 0.13 -27.07 1.98
CA LEU A 35 0.43 -25.88 2.74
C LEU A 35 0.16 -26.09 4.24
N MET A 36 -0.99 -26.68 4.59
CA MET A 36 -1.35 -26.88 6.00
C MET A 36 -0.46 -27.94 6.66
N SER A 37 -0.12 -28.95 5.87
CA SER A 37 0.78 -30.02 6.27
C SER A 37 2.19 -29.51 6.56
N THR A 38 2.75 -28.72 5.65
CA THR A 38 4.03 -28.05 5.90
C THR A 38 3.99 -27.22 7.20
N VAL A 39 2.95 -26.39 7.36
CA VAL A 39 2.84 -25.52 8.53
C VAL A 39 2.96 -26.37 9.79
N GLU A 40 2.11 -27.39 9.89
CA GLU A 40 1.97 -28.21 11.10
C GLU A 40 3.12 -29.20 11.32
N ASN A 41 3.61 -29.80 10.23
CA ASN A 41 4.79 -30.68 10.29
C ASN A 41 6.02 -29.91 10.74
N ARG A 42 6.20 -28.72 10.17
CA ARG A 42 7.36 -27.90 10.45
C ARG A 42 7.33 -27.22 11.83
N LEU A 43 6.15 -26.98 12.35
CA LEU A 43 6.02 -26.23 13.59
C LEU A 43 5.48 -27.08 14.71
N GLN A 44 5.46 -28.41 14.51
CA GLN A 44 4.80 -29.31 15.46
C GLN A 44 5.31 -29.21 16.89
N SER A 45 6.60 -28.94 17.07
CA SER A 45 7.17 -28.82 18.42
C SER A 45 6.77 -27.56 19.18
N GLN A 46 6.18 -26.57 18.51
CA GLN A 46 5.78 -25.32 19.17
C GLN A 46 4.28 -24.97 19.10
N LEU A 47 3.49 -25.91 18.57
CA LEU A 47 2.07 -25.72 18.41
C LEU A 47 1.28 -26.56 19.37
N LEU A 48 0.44 -25.89 20.14
CA LEU A 48 -0.55 -26.54 20.97
C LEU A 48 -1.58 -27.25 20.10
N PRO A 49 -2.19 -28.33 20.64
CA PRO A 49 -3.30 -28.97 19.94
C PRO A 49 -4.51 -28.02 19.74
N CYS A 50 -5.28 -28.23 18.68
CA CYS A 50 -6.53 -27.52 18.48
C CYS A 50 -7.49 -27.80 19.65
N ASN A 51 -7.90 -26.76 20.38
CA ASN A 51 -8.91 -26.92 21.43
C ASN A 51 -10.30 -26.36 21.10
N LEU A 52 -10.49 -25.87 19.88
CA LEU A 52 -11.82 -25.51 19.40
C LEU A 52 -12.77 -26.69 19.59
N PRO A 53 -13.98 -26.43 20.14
CA PRO A 53 -15.00 -27.46 20.27
C PRO A 53 -15.41 -27.99 18.88
N PRO A 54 -15.76 -29.30 18.79
CA PRO A 54 -16.18 -29.87 17.49
C PRO A 54 -17.25 -29.02 16.82
N ASP A 55 -18.02 -28.37 17.68
CA ASP A 55 -19.15 -27.54 17.36
C ASP A 55 -18.75 -26.27 16.58
N VAL A 56 -17.52 -25.83 16.79
CA VAL A 56 -16.96 -24.64 16.15
C VAL A 56 -15.97 -25.00 15.03
N ARG A 57 -15.34 -26.19 15.12
CA ARG A 57 -14.43 -26.67 14.08
C ARG A 57 -15.14 -26.97 12.77
N ASN A 58 -16.38 -27.46 12.87
CA ASN A 58 -17.25 -27.70 11.71
C ASN A 58 -18.67 -27.31 12.02
N PHE A 59 -19.24 -26.48 11.15
CA PHE A 59 -20.60 -26.03 11.32
C PHE A 59 -21.21 -25.84 9.94
N ASN A 60 -22.53 -25.77 9.90
CA ASN A 60 -23.25 -25.68 8.64
C ASN A 60 -24.61 -25.02 8.82
N ASN A 61 -25.18 -24.59 7.70
CA ASN A 61 -26.55 -24.15 7.65
C ASN A 61 -27.42 -25.40 7.59
N PRO A 62 -28.32 -25.59 8.57
CA PRO A 62 -29.15 -26.78 8.63
C PRO A 62 -29.96 -27.02 7.35
N ASN A 63 -30.31 -25.95 6.63
CA ASN A 63 -30.93 -26.08 5.31
C ASN A 63 -29.99 -26.54 4.19
N GLY A 64 -28.72 -26.76 4.53
CA GLY A 64 -27.73 -27.28 3.58
C GLY A 64 -27.18 -26.32 2.54
N SER A 65 -27.40 -25.02 2.75
CA SER A 65 -26.86 -24.02 1.83
C SER A 65 -25.39 -23.62 2.10
N ALA A 66 -25.00 -23.64 3.38
CA ALA A 66 -23.67 -23.21 3.77
C ALA A 66 -22.94 -24.16 4.75
N GLU A 67 -21.63 -24.31 4.52
CA GLU A 67 -20.77 -25.16 5.35
C GLU A 67 -19.36 -24.56 5.51
N ALA A 68 -18.86 -24.55 6.74
CA ALA A 68 -17.51 -24.09 7.01
C ALA A 68 -16.67 -25.07 7.87
N SER A 69 -15.35 -24.99 7.74
CA SER A 69 -14.44 -25.74 8.60
C SER A 69 -13.27 -24.86 9.00
N LEU A 70 -12.92 -24.92 10.28
CA LEU A 70 -11.88 -24.09 10.85
C LEU A 70 -10.89 -24.94 11.63
N HIS A 71 -9.61 -24.73 11.40
CA HIS A 71 -8.58 -25.44 12.17
C HIS A 71 -7.56 -24.46 12.72
N ILE A 72 -7.55 -24.28 14.03
CA ILE A 72 -6.68 -23.30 14.71
C ILE A 72 -5.77 -24.02 15.71
N ARG A 73 -4.47 -23.70 15.66
CA ARG A 73 -3.49 -24.26 16.59
C ARG A 73 -2.74 -23.08 17.16
N SER A 74 -2.92 -22.83 18.45
CA SER A 74 -2.23 -21.76 19.16
C SER A 74 -0.75 -22.10 19.37
N GLY A 75 0.10 -21.09 19.47
CA GLY A 75 1.51 -21.31 19.80
C GLY A 75 1.69 -21.59 21.29
N ASP A 76 2.70 -22.39 21.62
CA ASP A 76 3.00 -22.71 23.02
C ASP A 76 3.62 -21.52 23.73
N LYS A 77 3.75 -21.62 25.05
CA LYS A 77 4.15 -20.49 25.91
C LYS A 77 5.39 -19.71 25.46
N SER A 78 6.27 -20.34 24.69
CA SER A 78 7.56 -19.75 24.29
C SER A 78 7.67 -19.49 22.76
N SER A 79 6.62 -19.82 22.03
CA SER A 79 6.53 -19.61 20.59
C SER A 79 6.47 -18.13 20.17
N PRO A 80 7.16 -17.76 19.08
CA PRO A 80 6.86 -16.48 18.38
C PRO A 80 5.47 -16.49 17.68
N ILE A 81 4.84 -17.66 17.61
CA ILE A 81 3.53 -17.78 17.01
C ILE A 81 2.40 -17.53 18.01
N ASP A 82 1.42 -16.75 17.56
CA ASP A 82 0.23 -16.49 18.34
C ASP A 82 -0.74 -17.65 18.06
N PHE A 83 -1.06 -17.82 16.77
CA PHE A 83 -1.83 -18.94 16.23
C PHE A 83 -1.76 -18.96 14.72
N VAL A 84 -1.94 -20.14 14.16
CA VAL A 84 -2.13 -20.36 12.75
C VAL A 84 -3.58 -20.80 12.59
N ILE A 85 -4.19 -20.46 11.46
CA ILE A 85 -5.58 -20.80 11.19
C ILE A 85 -5.77 -21.23 9.74
N GLY A 86 -6.35 -22.42 9.57
CA GLY A 86 -6.78 -22.92 8.28
C GLY A 86 -8.29 -22.81 8.26
N SER A 87 -8.85 -22.44 7.12
CA SER A 87 -10.31 -22.36 6.99
C SER A 87 -10.79 -22.73 5.61
N TRP A 88 -11.99 -23.26 5.55
CA TRP A 88 -12.69 -23.28 4.28
C TRP A 88 -14.15 -22.96 4.55
N ILE A 89 -14.80 -22.38 3.56
CA ILE A 89 -16.14 -21.86 3.70
C ILE A 89 -16.80 -22.17 2.39
N HIS A 90 -18.00 -22.74 2.48
CA HIS A 90 -18.81 -23.02 1.31
C HIS A 90 -20.21 -22.39 1.44
N CYS A 91 -20.62 -21.63 0.44
CA CYS A 91 -21.96 -21.05 0.39
C CYS A 91 -22.49 -21.02 -1.03
N LYS A 92 -23.55 -21.78 -1.27
CA LYS A 92 -24.14 -21.85 -2.60
C LYS A 92 -25.60 -21.58 -2.46
N ILE A 93 -25.98 -20.32 -2.56
CA ILE A 93 -27.40 -19.95 -2.32
C ILE A 93 -28.21 -19.43 -3.52
N PRO A 94 -27.89 -18.22 -4.04
CA PRO A 94 -28.88 -17.34 -4.72
C PRO A 94 -29.56 -17.90 -5.98
N THR A 95 -28.99 -17.62 -7.16
CA THR A 95 -29.43 -18.22 -8.41
C THR A 95 -28.61 -19.50 -8.65
N GLY A 96 -27.56 -19.66 -7.86
CA GLY A 96 -26.75 -20.87 -7.87
C GLY A 96 -25.25 -20.59 -7.91
N VAL A 97 -24.87 -19.33 -7.73
CA VAL A 97 -23.46 -18.94 -7.69
C VAL A 97 -22.83 -19.35 -6.36
N SER A 98 -22.00 -20.39 -6.39
CA SER A 98 -21.46 -20.97 -5.17
C SER A 98 -20.13 -20.35 -4.75
N LEU A 99 -20.13 -19.71 -3.58
CA LEU A 99 -18.95 -19.10 -2.98
C LEU A 99 -18.06 -20.14 -2.25
N ASN A 100 -16.78 -20.13 -2.62
CA ASN A 100 -15.78 -21.02 -2.03
C ASN A 100 -14.51 -20.31 -1.61
N ILE A 101 -14.15 -20.49 -0.34
CA ILE A 101 -13.00 -19.84 0.27
C ILE A 101 -12.18 -20.87 0.99
N THR A 102 -10.89 -20.90 0.68
CA THR A 102 -9.90 -21.68 1.41
C THR A 102 -8.74 -20.78 1.81
N SER A 103 -8.32 -20.82 3.06
CA SER A 103 -7.26 -19.91 3.45
C SER A 103 -6.37 -20.42 4.57
N ILE A 104 -5.12 -19.98 4.59
CA ILE A 104 -4.30 -20.18 5.78
C ILE A 104 -3.61 -18.89 6.18
N SER A 105 -3.85 -18.43 7.40
CA SER A 105 -3.17 -17.28 7.96
C SER A 105 -2.27 -17.74 9.07
N GLY A 106 -1.09 -17.13 9.19
CA GLY A 106 -0.23 -17.33 10.35
C GLY A 106 -0.07 -15.98 11.02
N PHE A 107 -0.24 -15.96 12.34
CA PHE A 107 -0.18 -14.71 13.12
C PHE A 107 0.86 -14.76 14.23
N LEU A 108 1.80 -13.82 14.23
CA LEU A 108 2.84 -13.78 15.24
C LEU A 108 2.45 -12.92 16.43
N ASN A 109 2.94 -13.27 17.61
CA ASN A 109 2.71 -12.37 18.76
C ASN A 109 3.75 -11.24 18.91
N SER A 110 3.60 -10.49 20.00
CA SER A 110 4.50 -9.37 20.36
C SER A 110 5.98 -9.72 20.47
N SER A 111 6.31 -10.94 20.88
CA SER A 111 7.69 -11.26 21.27
C SER A 111 8.63 -11.16 20.07
N THR A 112 8.02 -11.16 18.89
CA THR A 112 8.72 -10.91 17.64
C THR A 112 7.98 -9.79 16.94
N LYS A 113 8.58 -9.20 15.92
CA LYS A 113 7.94 -8.13 15.16
C LYS A 113 7.94 -8.45 13.65
N ALA A 114 8.31 -9.69 13.33
CA ALA A 114 8.39 -10.23 11.99
C ALA A 114 6.99 -10.36 11.36
N PRO A 115 6.95 -10.32 10.01
CA PRO A 115 5.72 -10.42 9.20
C PRO A 115 4.89 -11.66 9.46
N ASN A 116 3.58 -11.49 9.30
CA ASN A 116 2.62 -12.58 9.30
C ASN A 116 2.61 -13.29 7.96
N PHE A 117 1.69 -14.23 7.80
CA PHE A 117 1.53 -14.99 6.58
C PHE A 117 0.06 -15.12 6.22
N VAL A 118 -0.24 -15.02 4.93
CA VAL A 118 -1.60 -15.14 4.43
C VAL A 118 -1.61 -15.75 3.02
N VAL A 119 -2.41 -16.80 2.85
CA VAL A 119 -2.91 -17.21 1.52
C VAL A 119 -4.42 -17.32 1.60
N GLU A 120 -5.11 -16.75 0.61
CA GLU A 120 -6.54 -16.90 0.47
C GLU A 120 -6.89 -17.12 -0.99
N LEU A 121 -7.66 -18.18 -1.27
CA LEU A 121 -8.27 -18.38 -2.58
C LEU A 121 -9.75 -18.22 -2.40
N ILE A 122 -10.33 -17.29 -3.15
CA ILE A 122 -11.74 -16.94 -3.06
C ILE A 122 -12.37 -16.98 -4.44
N GLN A 123 -13.34 -17.87 -4.61
CA GLN A 123 -14.14 -17.90 -5.82
C GLN A 123 -15.62 -17.70 -5.47
N SER A 124 -16.08 -16.46 -5.64
CA SER A 124 -17.49 -16.13 -5.54
C SER A 124 -18.15 -16.32 -6.91
N SER A 125 -17.66 -15.65 -7.94
CA SER A 125 -18.26 -15.66 -9.29
C SER A 125 -18.00 -16.98 -10.05
N SER A 126 -17.63 -16.89 -11.33
CA SER A 126 -17.28 -18.07 -12.14
C SER A 126 -16.29 -17.69 -13.26
N LYS A 127 -16.24 -16.39 -13.56
CA LYS A 127 -15.26 -15.81 -14.47
C LYS A 127 -13.94 -15.48 -13.74
N SER A 128 -13.99 -15.46 -12.39
CA SER A 128 -12.86 -15.02 -11.56
C SER A 128 -12.57 -15.83 -10.29
N LEU A 129 -11.28 -16.06 -10.05
CA LEU A 129 -10.72 -16.56 -8.80
C LEU A 129 -9.75 -15.51 -8.22
N VAL A 130 -9.93 -15.13 -6.95
CA VAL A 130 -8.99 -14.18 -6.31
C VAL A 130 -7.99 -14.88 -5.39
N LEU A 131 -6.72 -14.57 -5.61
CA LEU A 131 -5.61 -15.07 -4.80
C LEU A 131 -5.05 -13.90 -3.98
N ILE A 132 -5.03 -14.06 -2.65
CA ILE A 132 -4.33 -13.13 -1.76
C ILE A 132 -3.13 -13.89 -1.19
N LEU A 133 -1.91 -13.55 -1.57
CA LEU A 133 -0.71 -14.23 -1.02
C LEU A 133 0.30 -13.20 -0.54
N ASP A 134 0.56 -13.18 0.78
CA ASP A 134 1.36 -12.13 1.38
C ASP A 134 2.00 -12.55 2.72
N LEU A 135 3.05 -11.82 3.10
CA LEU A 135 3.64 -11.82 4.43
C LEU A 135 3.39 -10.39 4.92
N PRO A 136 2.22 -10.11 5.53
CA PRO A 136 1.92 -8.72 5.85
C PRO A 136 2.84 -8.18 6.96
N HIS A 137 3.23 -6.91 6.82
CA HIS A 137 4.23 -6.25 7.65
C HIS A 137 3.63 -5.86 8.99
N ARG A 138 4.46 -5.91 10.03
CA ARG A 138 3.97 -5.56 11.37
C ARG A 138 4.65 -4.32 11.94
N LYS A 139 5.44 -3.65 11.08
CA LYS A 139 6.09 -2.38 11.41
C LYS A 139 5.89 -1.44 10.23
N ASP A 140 5.67 -0.16 10.51
CA ASP A 140 5.64 0.87 9.48
C ASP A 140 6.90 0.79 8.65
N LEU A 141 6.73 0.62 7.34
CA LEU A 141 7.86 0.36 6.42
C LEU A 141 8.71 1.62 6.09
N VAL A 142 8.13 2.81 6.28
CA VAL A 142 8.86 4.07 6.03
C VAL A 142 9.69 4.49 7.24
N LEU A 143 9.16 4.23 8.44
CA LEU A 143 9.89 4.44 9.68
C LEU A 143 11.03 3.43 9.82
N ASN A 144 10.82 2.25 9.24
CA ASN A 144 11.75 1.14 9.37
C ASN A 144 12.21 0.61 8.00
N PRO A 145 13.13 1.36 7.35
CA PRO A 145 13.65 0.97 6.02
C PRO A 145 14.39 -0.37 6.05
N ASP A 146 14.90 -0.72 7.23
CA ASP A 146 15.67 -1.95 7.47
C ASP A 146 14.79 -3.20 7.49
N TYR A 147 13.64 -3.09 8.16
CA TYR A 147 12.56 -4.08 8.15
C TYR A 147 12.09 -4.34 6.72
N LEU A 148 11.84 -3.28 5.98
CA LEU A 148 11.47 -3.44 4.59
C LEU A 148 12.55 -4.21 3.81
N LYS A 149 13.81 -3.85 4.02
CA LYS A 149 14.94 -4.51 3.32
C LYS A 149 15.11 -6.01 3.64
N GLU A 150 14.95 -6.40 4.89
CA GLU A 150 15.25 -7.78 5.22
C GLU A 150 14.12 -8.75 4.99
N TYR A 151 12.89 -8.23 5.00
CA TYR A 151 11.73 -9.06 4.82
C TYR A 151 11.17 -9.02 3.40
N TYR A 152 11.51 -7.99 2.63
CA TYR A 152 10.90 -7.84 1.29
C TYR A 152 11.91 -7.62 0.19
N GLN A 153 13.01 -6.96 0.52
CA GLN A 153 14.08 -6.84 -0.47
C GLN A 153 14.95 -8.08 -0.56
N ASP A 154 15.58 -8.43 0.55
CA ASP A 154 16.50 -9.57 0.59
C ASP A 154 15.83 -10.88 0.23
N THR A 155 14.51 -10.94 0.37
CA THR A 155 13.74 -12.19 0.28
C THR A 155 13.14 -12.41 -1.11
N ALA A 156 13.38 -11.48 -2.04
CA ALA A 156 12.81 -11.52 -3.40
C ALA A 156 11.30 -11.82 -3.46
N LEU A 157 10.59 -11.45 -2.40
CA LEU A 157 9.14 -11.69 -2.31
C LEU A 157 8.33 -11.18 -3.49
N ASP A 158 8.84 -10.14 -4.16
CA ASP A 158 8.06 -9.48 -5.21
C ASP A 158 8.19 -10.24 -6.53
N SER A 159 9.19 -11.10 -6.62
CA SER A 159 9.35 -11.95 -7.81
C SER A 159 8.11 -12.80 -8.09
N HIS A 160 7.47 -13.30 -7.02
CA HIS A 160 6.29 -14.15 -7.13
C HIS A 160 5.10 -13.45 -7.73
N ARG A 161 4.89 -12.20 -7.32
CA ARG A 161 3.84 -11.37 -7.88
C ARG A 161 4.13 -11.00 -9.35
N GLN A 162 5.38 -10.63 -9.64
CA GLN A 162 5.78 -10.26 -11.01
C GLN A 162 5.65 -11.44 -11.96
N SER A 163 5.96 -12.62 -11.43
CA SER A 163 5.82 -13.87 -12.18
C SER A 163 4.37 -14.15 -12.56
N LEU A 164 3.51 -14.27 -11.55
CA LEU A 164 2.09 -14.58 -11.74
C LEU A 164 1.39 -13.60 -12.68
N LEU A 165 1.77 -12.32 -12.59
CA LEU A 165 1.12 -11.25 -13.35
C LEU A 165 1.40 -11.32 -14.88
N LYS A 166 2.51 -11.97 -15.25
CA LYS A 166 2.90 -12.21 -16.66
C LYS A 166 1.89 -13.04 -17.42
N LEU A 167 1.25 -13.98 -16.72
CA LEU A 167 0.20 -14.81 -17.29
C LEU A 167 -0.93 -13.93 -17.81
N PRO A 168 -1.44 -14.21 -19.01
CA PRO A 168 -2.51 -13.43 -19.62
C PRO A 168 -3.80 -13.42 -18.82
N GLU A 169 -3.98 -14.43 -17.97
CA GLU A 169 -5.26 -14.69 -17.28
C GLU A 169 -5.37 -14.00 -15.94
N VAL A 170 -4.28 -13.31 -15.57
CA VAL A 170 -4.02 -12.86 -14.20
C VAL A 170 -3.86 -11.34 -14.13
N ASN A 171 -4.87 -10.67 -13.60
CA ASN A 171 -4.84 -9.21 -13.52
C ASN A 171 -4.69 -8.77 -12.05
N PRO A 172 -4.32 -7.50 -11.81
CA PRO A 172 -4.22 -7.09 -10.40
C PRO A 172 -5.60 -6.99 -9.77
N TYR A 173 -5.69 -7.34 -8.50
CA TYR A 173 -6.93 -7.19 -7.76
C TYR A 173 -6.79 -5.99 -6.86
N VAL A 174 -7.84 -5.20 -6.79
CA VAL A 174 -7.81 -4.01 -5.98
C VAL A 174 -9.00 -4.07 -5.01
N SER A 175 -8.68 -4.27 -3.72
CA SER A 175 -9.70 -4.30 -2.69
C SER A 175 -10.50 -3.00 -2.65
N PRO A 176 -11.84 -3.11 -2.46
CA PRO A 176 -12.58 -1.88 -2.21
C PRO A 176 -12.26 -1.35 -0.78
N SER A 177 -11.57 -2.16 0.03
CA SER A 177 -11.21 -1.76 1.37
C SER A 177 -9.84 -1.10 1.49
N LEU A 178 -9.84 0.18 1.84
CA LEU A 178 -8.58 0.87 2.16
C LEU A 178 -7.77 0.26 3.32
N PHE A 179 -8.42 -0.29 4.33
CA PHE A 179 -7.66 -1.04 5.35
C PHE A 179 -6.87 -2.21 4.75
N VAL A 180 -7.55 -3.03 3.95
CA VAL A 180 -6.87 -4.10 3.22
C VAL A 180 -5.66 -3.58 2.47
N ARG A 181 -5.84 -2.55 1.67
CA ARG A 181 -4.72 -2.00 0.88
C ARG A 181 -3.55 -1.55 1.75
N SER A 182 -3.85 -1.09 2.98
CA SER A 182 -2.82 -0.57 3.88
C SER A 182 -2.12 -1.66 4.66
N ALA A 183 -2.88 -2.71 4.98
CA ALA A 183 -2.49 -3.86 5.79
C ALA A 183 -1.58 -4.85 5.10
N PHE A 184 -1.58 -4.80 3.78
CA PHE A 184 -0.79 -5.73 2.99
C PHE A 184 0.50 -5.09 2.52
N SER A 185 1.56 -5.89 2.48
CA SER A 185 2.89 -5.42 2.15
C SER A 185 3.00 -4.98 0.71
N PRO A 186 4.07 -4.22 0.37
CA PRO A 186 4.22 -3.77 -1.02
C PRO A 186 4.51 -4.90 -2.02
N THR A 187 4.77 -6.11 -1.52
CA THR A 187 5.05 -7.26 -2.41
C THR A 187 3.88 -8.25 -2.50
N ALA A 188 2.81 -7.96 -1.76
CA ALA A 188 1.58 -8.76 -1.77
C ALA A 188 1.08 -9.13 -3.18
N SER A 189 0.86 -10.42 -3.40
CA SER A 189 0.15 -10.87 -4.58
C SER A 189 -1.34 -10.79 -4.29
N MET A 190 -1.96 -9.76 -4.85
CA MET A 190 -3.39 -9.55 -4.78
C MET A 190 -3.87 -9.66 -6.21
N LEU A 191 -4.34 -10.84 -6.61
CA LEU A 191 -4.55 -11.11 -8.04
C LEU A 191 -5.90 -11.69 -8.36
N LYS A 192 -6.39 -11.35 -9.55
CA LYS A 192 -7.61 -11.93 -10.10
C LYS A 192 -7.21 -12.88 -11.24
N ILE A 193 -7.69 -14.11 -11.16
CA ILE A 193 -7.35 -15.13 -12.14
C ILE A 193 -8.64 -15.53 -12.85
N ASP A 194 -8.61 -15.53 -14.19
CA ASP A 194 -9.80 -15.92 -14.97
C ASP A 194 -10.18 -17.36 -14.69
N ALA A 195 -11.46 -17.59 -14.38
CA ALA A 195 -11.91 -18.89 -13.87
C ALA A 195 -12.81 -19.74 -14.78
N GLU A 196 -13.25 -19.17 -15.92
CA GLU A 196 -14.22 -19.80 -16.84
C GLU A 196 -13.67 -20.89 -17.78
N GLU A 197 -12.45 -21.37 -17.53
CA GLU A 197 -11.85 -22.44 -18.32
C GLU A 197 -11.10 -23.38 -17.37
N GLU A 198 -11.83 -24.32 -16.77
CA GLU A 198 -11.32 -25.19 -15.69
C GLU A 198 -9.95 -25.81 -15.95
N ASP A 199 -9.70 -26.24 -17.20
CA ASP A 199 -8.44 -26.89 -17.57
C ASP A 199 -7.21 -25.95 -17.54
N LYS A 200 -7.46 -24.66 -17.76
CA LYS A 200 -6.41 -23.65 -17.78
C LYS A 200 -6.20 -23.08 -16.38
N LEU A 201 -7.31 -22.82 -15.69
CA LEU A 201 -7.30 -22.37 -14.31
C LEU A 201 -6.51 -23.37 -13.46
N GLU A 202 -6.89 -24.64 -13.58
CA GLU A 202 -6.25 -25.75 -12.89
C GLU A 202 -4.75 -25.80 -13.16
N GLU A 203 -4.35 -25.60 -14.41
CA GLU A 203 -2.94 -25.52 -14.82
C GLU A 203 -2.20 -24.34 -14.19
N ILE A 204 -2.88 -23.19 -14.08
CA ILE A 204 -2.29 -22.00 -13.44
C ILE A 204 -2.15 -22.20 -11.94
N LEU A 205 -3.17 -22.78 -11.31
CA LEU A 205 -3.09 -23.13 -9.89
C LEU A 205 -1.92 -24.09 -9.57
N ARG A 206 -1.79 -25.17 -10.34
CA ARG A 206 -0.78 -26.20 -10.02
C ARG A 206 0.63 -25.86 -10.44
N ASP A 207 0.79 -25.18 -11.58
CA ASP A 207 2.13 -24.89 -12.08
C ASP A 207 2.64 -23.55 -11.54
N HIS A 208 1.71 -22.66 -11.18
CA HIS A 208 2.12 -21.31 -10.84
C HIS A 208 1.77 -20.83 -9.43
N VAL A 209 0.49 -20.86 -9.08
CA VAL A 209 0.04 -20.43 -7.77
C VAL A 209 0.66 -21.26 -6.65
N SER A 210 0.74 -22.57 -6.87
CA SER A 210 1.25 -23.51 -5.87
C SER A 210 2.75 -23.36 -5.54
N PRO A 211 3.63 -23.37 -6.56
CA PRO A 211 5.03 -23.06 -6.24
C PRO A 211 5.21 -21.75 -5.50
N ALA A 212 4.55 -20.70 -6.00
CA ALA A 212 4.58 -19.38 -5.41
C ALA A 212 4.21 -19.39 -3.93
N ALA A 213 3.10 -20.04 -3.60
CA ALA A 213 2.61 -20.08 -2.24
C ALA A 213 3.56 -20.87 -1.36
N LYS A 214 4.06 -21.99 -1.85
CA LYS A 214 4.99 -22.83 -1.10
C LYS A 214 6.28 -22.09 -0.78
N GLU A 215 6.78 -21.31 -1.73
CA GLU A 215 7.98 -20.50 -1.55
C GLU A 215 7.80 -19.34 -0.59
N VAL A 216 6.67 -18.64 -0.70
CA VAL A 216 6.30 -17.61 0.28
C VAL A 216 6.20 -18.16 1.72
N LEU A 217 5.52 -19.30 1.89
CA LEU A 217 5.46 -20.01 3.18
C LEU A 217 6.86 -20.41 3.64
N GLU A 218 7.67 -20.83 2.68
CA GLU A 218 9.05 -21.17 2.94
C GLU A 218 9.79 -19.97 3.54
N VAL A 219 9.58 -18.76 3.02
CA VAL A 219 10.25 -17.61 3.69
C VAL A 219 9.60 -17.24 5.03
N TRP A 220 8.29 -17.46 5.17
CA TRP A 220 7.69 -17.16 6.44
C TRP A 220 8.32 -18.09 7.51
N LEU A 221 8.39 -19.38 7.22
CA LEU A 221 8.96 -20.34 8.15
C LEU A 221 10.45 -20.10 8.41
N GLU A 222 11.19 -19.83 7.34
CA GLU A 222 12.63 -19.71 7.45
C GLU A 222 13.10 -18.35 7.98
N ARG A 223 12.50 -17.26 7.50
CA ARG A 223 13.02 -15.90 7.81
C ARG A 223 12.19 -15.11 8.81
N CYS A 224 10.97 -15.53 9.07
CA CYS A 224 10.10 -14.79 10.01
C CYS A 224 9.87 -15.55 11.28
N VAL A 225 9.51 -16.83 11.15
CA VAL A 225 9.24 -17.68 12.32
C VAL A 225 10.52 -18.17 12.98
N LYS A 226 11.50 -18.58 12.19
CA LYS A 226 12.74 -19.08 12.74
C LYS A 226 13.51 -17.96 13.45
N ILE A 232 17.79 -10.68 19.11
CA ILE A 232 17.33 -9.38 19.72
C ILE A 232 15.90 -9.53 20.30
N VAL A 233 15.62 -8.73 21.33
CA VAL A 233 14.33 -8.80 22.00
C VAL A 233 13.44 -7.62 21.58
N VAL A 234 12.16 -7.70 21.95
CA VAL A 234 11.20 -6.62 21.70
C VAL A 234 10.83 -6.02 23.06
N GLY A 235 11.08 -4.72 23.22
CA GLY A 235 10.84 -4.03 24.48
C GLY A 235 9.37 -3.72 24.71
N GLU A 236 9.04 -3.27 25.91
CA GLU A 236 7.66 -3.14 26.35
C GLU A 236 6.85 -2.07 25.62
N GLU A 237 7.54 -1.05 25.09
CA GLU A 237 6.87 0.02 24.33
C GLU A 237 6.46 -0.46 22.95
N GLU A 238 7.36 -1.19 22.30
CA GLU A 238 7.12 -1.80 21.01
C GLU A 238 6.10 -2.93 21.10
N ARG A 239 6.10 -3.65 22.22
CA ARG A 239 5.13 -4.74 22.43
C ARG A 239 3.68 -4.25 22.38
N MET A 240 3.41 -3.11 23.01
CA MET A 240 2.07 -2.59 23.07
C MET A 240 1.63 -2.02 21.72
N GLU A 241 2.57 -1.38 21.03
CA GLU A 241 2.38 -0.96 19.65
C GLU A 241 1.95 -2.17 18.81
N LEU A 242 2.80 -3.21 18.80
CA LEU A 242 2.54 -4.44 18.06
C LEU A 242 1.20 -5.11 18.37
N GLU A 243 0.79 -5.07 19.64
CA GLU A 243 -0.45 -5.72 20.06
C GLU A 243 -1.70 -4.93 19.68
N ARG A 244 -1.57 -3.61 19.67
CA ARG A 244 -2.62 -2.71 19.23
C ARG A 244 -2.80 -2.91 17.73
N ARG A 245 -1.69 -2.95 17.02
CA ARG A 245 -1.68 -3.15 15.59
C ARG A 245 -2.25 -4.53 15.18
N ASP A 246 -1.86 -5.57 15.90
CA ASP A 246 -2.29 -6.93 15.60
C ASP A 246 -3.77 -7.14 15.86
N LYS A 247 -4.25 -6.59 16.96
CA LYS A 247 -5.67 -6.62 17.30
C LYS A 247 -6.58 -5.88 16.30
N SER A 248 -6.13 -4.75 15.75
CA SER A 248 -6.87 -4.04 14.68
C SER A 248 -6.98 -4.88 13.43
N PHE A 249 -5.84 -5.43 13.04
CA PHE A 249 -5.72 -6.14 11.81
C PHE A 249 -6.63 -7.35 11.83
N ARG A 250 -6.74 -8.03 12.98
CA ARG A 250 -7.56 -9.24 13.08
C ARG A 250 -9.05 -8.90 13.14
N ARG A 251 -9.40 -7.98 14.04
CA ARG A 251 -10.77 -7.50 14.21
C ARG A 251 -11.33 -7.13 12.84
N LYS A 252 -10.81 -6.04 12.28
CA LYS A 252 -11.14 -5.55 10.94
C LYS A 252 -11.18 -6.60 9.84
N SER A 253 -10.46 -7.70 10.02
CA SER A 253 -10.37 -8.74 8.99
C SER A 253 -11.47 -9.76 9.06
N ILE A 254 -12.13 -9.81 10.22
CA ILE A 254 -13.16 -10.81 10.49
C ILE A 254 -14.52 -10.21 10.84
N GLU A 255 -14.53 -8.96 11.32
CA GLU A 255 -15.72 -8.30 11.85
C GLU A 255 -16.96 -8.35 10.95
N ASP A 256 -16.83 -7.83 9.73
CA ASP A 256 -17.98 -7.72 8.83
C ASP A 256 -18.48 -9.09 8.45
N ASP A 257 -17.54 -10.01 8.18
CA ASP A 257 -17.86 -11.42 7.88
C ASP A 257 -18.60 -12.10 9.04
N LEU A 258 -18.03 -12.03 10.23
CA LEU A 258 -18.62 -12.67 11.40
C LEU A 258 -19.98 -12.08 11.78
N ASP A 259 -20.14 -10.78 11.57
CA ASP A 259 -21.31 -10.06 12.04
C ASP A 259 -22.39 -9.84 11.00
N LEU A 260 -22.00 -9.75 9.74
CA LEU A 260 -22.94 -9.48 8.65
C LEU A 260 -23.16 -10.71 7.77
N GLN A 261 -22.07 -11.34 7.32
CA GLN A 261 -22.13 -12.45 6.40
C GLN A 261 -22.58 -13.77 7.01
N PHE A 262 -22.12 -14.06 8.24
CA PHE A 262 -22.37 -15.34 8.88
C PHE A 262 -23.86 -15.61 9.14
N PRO A 263 -24.56 -14.65 9.81
CA PRO A 263 -25.99 -14.91 10.08
C PRO A 263 -26.75 -15.21 8.82
N ARG A 264 -26.37 -14.58 7.71
CA ARG A 264 -27.00 -14.85 6.43
C ARG A 264 -26.69 -16.27 5.97
N MET A 265 -25.40 -16.59 5.87
CA MET A 265 -24.93 -17.88 5.37
C MET A 265 -25.43 -19.07 6.20
N PHE A 266 -25.28 -18.98 7.53
CA PHE A 266 -25.46 -20.12 8.41
C PHE A 266 -26.75 -20.09 9.24
N GLY A 267 -27.60 -19.09 8.98
CA GLY A 267 -28.78 -18.87 9.81
C GLY A 267 -28.31 -18.25 11.11
N GLU A 268 -29.25 -17.86 11.97
CA GLU A 268 -28.92 -17.13 13.19
C GLU A 268 -28.45 -18.03 14.31
N GLU A 269 -29.03 -19.23 14.37
CA GLU A 269 -28.74 -20.21 15.42
C GLU A 269 -27.28 -20.68 15.40
N VAL A 270 -26.76 -20.94 14.20
CA VAL A 270 -25.37 -21.39 14.04
C VAL A 270 -24.39 -20.24 14.28
N SER A 271 -24.71 -19.06 13.73
CA SER A 271 -23.92 -17.85 13.98
C SER A 271 -23.77 -17.57 15.49
N SER A 272 -24.90 -17.60 16.21
CA SER A 272 -24.92 -17.24 17.63
C SER A 272 -24.10 -18.23 18.46
N ARG A 273 -23.99 -19.45 17.95
CA ARG A 273 -23.20 -20.49 18.59
C ARG A 273 -21.68 -20.29 18.38
N VAL A 274 -21.30 -19.90 17.16
CA VAL A 274 -19.90 -19.91 16.74
C VAL A 274 -19.19 -18.55 16.75
N VAL A 275 -19.90 -17.47 16.41
CA VAL A 275 -19.29 -16.16 16.20
C VAL A 275 -18.49 -15.70 17.41
N HIS A 276 -19.09 -15.78 18.60
CA HIS A 276 -18.38 -15.35 19.80
C HIS A 276 -17.11 -16.20 20.00
N ALA A 277 -17.25 -17.52 19.87
CA ALA A 277 -16.16 -18.46 20.06
C ALA A 277 -15.00 -18.21 19.12
N ILE A 278 -15.31 -17.78 17.89
CA ILE A 278 -14.28 -17.43 16.90
C ILE A 278 -13.60 -16.09 17.22
N LYS A 279 -14.37 -15.10 17.63
CA LYS A 279 -13.78 -13.85 18.11
C LYS A 279 -12.89 -14.12 19.33
N GLU A 280 -13.38 -14.96 20.22
CA GLU A 280 -12.57 -15.48 21.34
C GLU A 280 -11.25 -16.05 20.83
N ALA A 281 -11.34 -17.01 19.90
CA ALA A 281 -10.15 -17.68 19.36
C ALA A 281 -9.23 -16.73 18.62
N PHE A 282 -9.82 -15.69 18.03
CA PHE A 282 -9.05 -14.75 17.23
C PHE A 282 -8.48 -13.60 18.03
N GLY A 283 -8.67 -13.65 19.35
CA GLY A 283 -8.19 -12.60 20.28
C GLY A 283 -8.72 -11.17 20.17
N VAL A 284 -10.03 -11.01 19.97
CA VAL A 284 -10.59 -9.69 19.59
C VAL A 284 -11.80 -9.23 20.42
N GLY B 1 7.72 48.13 -13.32
CA GLY B 1 6.74 48.40 -14.43
C GLY B 1 5.47 49.02 -13.89
N PRO B 2 4.64 49.61 -14.79
CA PRO B 2 3.49 50.44 -14.43
C PRO B 2 2.46 49.78 -13.56
N LEU B 3 2.29 48.47 -13.69
CA LEU B 3 1.40 47.73 -12.79
C LEU B 3 2.02 46.54 -12.06
N GLY B 4 3.30 46.63 -11.73
CA GLY B 4 3.95 45.55 -10.99
C GLY B 4 5.42 45.68 -10.72
N SER B 5 5.97 44.66 -10.07
CA SER B 5 7.32 44.67 -9.51
C SER B 5 8.18 43.51 -10.01
N SER B 6 7.64 42.70 -10.93
CA SER B 6 8.29 41.45 -11.34
C SER B 6 9.51 41.65 -12.23
N MET B 7 9.51 42.75 -12.97
CA MET B 7 10.69 43.12 -13.75
C MET B 7 11.70 43.88 -12.89
N GLU B 8 11.35 44.18 -11.65
CA GLU B 8 12.20 44.99 -10.77
C GLU B 8 12.77 44.25 -9.57
N ASP B 9 12.02 43.27 -9.06
CA ASP B 9 12.46 42.45 -7.94
C ASP B 9 13.22 41.23 -8.45
N HIS B 10 14.29 40.86 -7.74
CA HIS B 10 15.09 39.69 -8.10
C HIS B 10 14.35 38.37 -7.83
N ASP B 11 13.77 38.23 -6.64
CA ASP B 11 13.02 37.01 -6.30
C ASP B 11 11.78 36.80 -7.18
N ASP B 12 11.10 37.90 -7.53
CA ASP B 12 9.96 37.83 -8.43
C ASP B 12 10.44 37.52 -9.84
N HIS B 13 11.64 38.00 -10.17
CA HIS B 13 12.22 37.75 -11.48
C HIS B 13 12.46 36.27 -11.68
N LEU B 14 13.28 35.68 -10.83
CA LEU B 14 13.63 34.28 -11.00
C LEU B 14 12.67 33.30 -10.30
N ARG B 15 11.43 33.77 -10.07
CA ARG B 15 10.29 32.90 -9.76
C ARG B 15 9.44 32.74 -11.02
N ARG B 16 9.45 33.77 -11.88
CA ARG B 16 8.80 33.67 -13.20
C ARG B 16 9.58 32.78 -14.16
N LYS B 17 10.90 32.76 -14.04
CA LYS B 17 11.76 31.92 -14.88
C LYS B 17 11.34 30.46 -14.72
N PHE B 18 10.99 30.10 -13.48
CA PHE B 18 10.40 28.80 -13.14
C PHE B 18 9.04 28.57 -13.81
N MET B 19 8.15 29.55 -13.64
CA MET B 19 6.78 29.49 -14.15
C MET B 19 6.68 29.40 -15.67
N GLU B 20 7.81 29.49 -16.35
CA GLU B 20 7.84 29.45 -17.81
C GLU B 20 7.58 28.05 -18.34
N PHE B 21 7.93 27.04 -17.53
CA PHE B 21 7.81 25.61 -17.85
C PHE B 21 8.07 25.36 -19.35
N PRO B 22 9.27 25.71 -19.83
CA PRO B 22 9.58 25.80 -21.27
C PRO B 22 9.48 24.51 -22.08
N TYR B 23 9.86 23.37 -21.51
CA TYR B 23 10.00 22.14 -22.30
C TYR B 23 8.78 21.24 -22.34
N VAL B 24 7.64 21.78 -21.92
CA VAL B 24 6.45 20.96 -21.76
C VAL B 24 5.25 21.39 -22.59
N SER B 25 4.42 20.41 -22.93
CA SER B 25 3.13 20.61 -23.57
C SER B 25 2.42 21.86 -23.06
N PRO B 26 1.66 22.56 -23.94
CA PRO B 26 0.94 23.76 -23.49
C PRO B 26 -0.01 23.49 -22.31
N THR B 27 -0.66 22.33 -22.31
CA THR B 27 -1.61 22.01 -21.25
C THR B 27 -0.92 21.57 -19.96
N ARG B 28 0.24 20.91 -20.09
CA ARG B 28 1.06 20.59 -18.93
C ARG B 28 1.52 21.83 -18.19
N LYS B 29 2.01 22.82 -18.94
CA LYS B 29 2.40 24.11 -18.34
C LYS B 29 1.24 24.77 -17.57
N GLN B 30 0.05 24.79 -18.16
CA GLN B 30 -1.14 25.36 -17.48
C GLN B 30 -1.50 24.66 -16.17
N LEU B 31 -1.45 23.33 -16.20
CA LEU B 31 -1.76 22.56 -15.00
C LEU B 31 -0.80 23.01 -13.92
N MET B 32 0.49 22.89 -14.22
CA MET B 32 1.53 23.30 -13.29
C MET B 32 1.36 24.73 -12.84
N VAL B 33 1.10 25.64 -13.77
CA VAL B 33 0.90 27.05 -13.42
C VAL B 33 -0.32 27.27 -12.51
N ASP B 34 -1.42 26.58 -12.79
CA ASP B 34 -2.62 26.77 -11.98
C ASP B 34 -2.39 26.24 -10.58
N LEU B 35 -1.75 25.06 -10.50
CA LEU B 35 -1.46 24.36 -9.25
C LEU B 35 -0.46 25.12 -8.39
N MET B 36 0.66 25.51 -8.98
CA MET B 36 1.73 26.20 -8.27
C MET B 36 1.27 27.58 -7.86
N SER B 37 0.40 28.18 -8.66
CA SER B 37 -0.10 29.49 -8.30
C SER B 37 -1.22 29.43 -7.26
N THR B 38 -2.00 28.35 -7.28
CA THR B 38 -3.06 28.11 -6.29
C THR B 38 -2.48 27.88 -4.89
N VAL B 39 -1.38 27.13 -4.84
CA VAL B 39 -0.63 26.88 -3.61
C VAL B 39 -0.15 28.21 -3.01
N GLU B 40 0.63 28.95 -3.80
CA GLU B 40 1.17 30.22 -3.31
C GLU B 40 0.09 31.28 -3.08
N ASN B 41 -0.99 31.27 -3.86
CA ASN B 41 -2.04 32.28 -3.64
C ASN B 41 -2.91 31.99 -2.41
N ARG B 42 -3.17 30.72 -2.11
CA ARG B 42 -4.00 30.38 -0.94
C ARG B 42 -3.21 30.37 0.36
N LEU B 43 -1.88 30.23 0.23
CA LEU B 43 -0.95 30.09 1.35
C LEU B 43 0.04 31.25 1.50
N GLN B 44 -0.14 32.28 0.67
CA GLN B 44 0.56 33.56 0.78
C GLN B 44 0.92 34.01 2.19
N SER B 45 -0.06 34.02 3.08
CA SER B 45 0.13 34.58 4.41
C SER B 45 0.99 33.70 5.34
N GLN B 46 1.29 32.47 4.90
CA GLN B 46 2.05 31.49 5.69
C GLN B 46 3.42 31.16 5.14
N LEU B 47 3.71 31.63 3.93
CA LEU B 47 4.90 31.20 3.23
C LEU B 47 5.97 32.28 3.21
N LEU B 48 7.21 31.84 3.43
CA LEU B 48 8.36 32.71 3.46
C LEU B 48 8.78 32.90 2.02
N PRO B 49 9.36 34.06 1.69
CA PRO B 49 9.93 34.27 0.35
C PRO B 49 11.00 33.22 0.05
N CYS B 50 11.16 32.85 -1.22
CA CYS B 50 12.16 31.86 -1.58
C CYS B 50 13.53 32.30 -1.11
N ASN B 51 13.87 31.86 0.11
CA ASN B 51 15.20 32.02 0.66
C ASN B 51 16.12 30.90 0.16
N LEU B 52 16.65 31.07 -1.05
CA LEU B 52 17.52 30.08 -1.68
C LEU B 52 18.35 30.74 -2.78
N PRO B 53 19.69 30.52 -2.77
CA PRO B 53 20.58 31.00 -3.81
C PRO B 53 19.99 30.93 -5.21
N PRO B 54 20.20 31.98 -6.02
CA PRO B 54 19.78 32.10 -7.42
C PRO B 54 20.31 31.03 -8.39
N ASP B 55 21.55 30.57 -8.20
CA ASP B 55 22.12 29.54 -9.08
C ASP B 55 21.69 28.13 -8.62
N VAL B 56 20.97 28.11 -7.51
CA VAL B 56 20.27 26.92 -7.03
C VAL B 56 18.85 26.83 -7.66
N ARG B 57 18.15 27.98 -7.69
CA ARG B 57 16.78 28.08 -8.19
C ARG B 57 16.64 27.71 -9.66
N ASN B 58 17.69 27.96 -10.43
CA ASN B 58 17.78 27.58 -11.85
C ASN B 58 19.18 27.10 -12.16
N PHE B 59 19.26 26.10 -13.04
CA PHE B 59 20.55 25.61 -13.52
C PHE B 59 20.40 24.75 -14.78
N ASN B 60 21.53 24.32 -15.30
CA ASN B 60 21.60 23.62 -16.57
C ASN B 60 22.95 22.97 -16.71
N ASN B 61 22.97 21.83 -17.38
CA ASN B 61 24.18 21.31 -17.97
C ASN B 61 24.76 22.42 -18.86
N PRO B 62 25.97 22.92 -18.53
CA PRO B 62 26.62 23.94 -19.36
C PRO B 62 26.75 23.58 -20.84
N ASN B 63 26.74 22.29 -21.18
CA ASN B 63 26.60 21.87 -22.60
C ASN B 63 25.13 21.91 -23.11
N GLY B 64 24.22 22.36 -22.24
CA GLY B 64 22.85 22.72 -22.62
C GLY B 64 21.83 21.61 -22.87
N SER B 65 22.21 20.38 -22.56
CA SER B 65 21.32 19.22 -22.72
C SER B 65 20.27 19.10 -21.60
N ALA B 66 20.67 19.44 -20.37
CA ALA B 66 19.78 19.38 -19.21
C ALA B 66 19.30 20.77 -18.82
N GLU B 67 18.08 20.85 -18.31
CA GLU B 67 17.61 22.09 -17.67
C GLU B 67 16.64 21.75 -16.51
N ALA B 68 16.91 22.34 -15.34
CA ALA B 68 16.08 22.17 -14.16
C ALA B 68 15.77 23.50 -13.47
N SER B 69 14.62 23.59 -12.81
CA SER B 69 14.26 24.80 -12.06
C SER B 69 13.44 24.47 -10.81
N LEU B 70 13.81 25.05 -9.66
CA LEU B 70 13.20 24.72 -8.38
C LEU B 70 12.71 25.90 -7.56
N HIS B 71 11.41 25.91 -7.28
CA HIS B 71 10.79 26.95 -6.45
C HIS B 71 10.38 26.41 -5.08
N ILE B 72 10.98 26.96 -4.02
CA ILE B 72 10.85 26.39 -2.67
C ILE B 72 10.51 27.48 -1.65
N ARG B 73 9.38 27.32 -0.97
CA ARG B 73 8.94 28.30 0.01
C ARG B 73 8.75 27.59 1.34
N SER B 74 9.47 28.05 2.35
CA SER B 74 9.36 27.49 3.69
C SER B 74 8.14 28.08 4.35
N GLY B 75 7.47 27.26 5.15
CA GLY B 75 6.47 27.77 6.06
C GLY B 75 7.14 28.73 7.02
N ASP B 76 6.36 29.71 7.49
CA ASP B 76 6.82 30.60 8.54
C ASP B 76 6.68 29.90 9.89
N LYS B 77 7.20 30.56 10.92
CA LYS B 77 7.42 29.96 12.24
C LYS B 77 6.21 29.18 12.77
N SER B 78 5.03 29.77 12.61
CA SER B 78 3.80 29.19 13.14
C SER B 78 2.99 28.34 12.12
N SER B 79 3.56 28.13 10.93
CA SER B 79 2.89 27.38 9.87
C SER B 79 3.05 25.88 10.05
N PRO B 80 1.98 25.10 9.74
CA PRO B 80 2.11 23.63 9.67
C PRO B 80 3.02 23.18 8.52
N ILE B 81 3.33 24.12 7.63
CA ILE B 81 4.01 23.87 6.36
C ILE B 81 5.48 23.78 6.64
N ASP B 82 6.14 22.73 6.18
CA ASP B 82 7.59 22.70 6.29
C ASP B 82 8.09 23.55 5.14
N PHE B 83 8.13 22.94 3.96
CA PHE B 83 8.26 23.67 2.72
C PHE B 83 7.28 23.19 1.63
N VAL B 84 7.13 24.02 0.59
CA VAL B 84 6.52 23.61 -0.67
C VAL B 84 7.57 23.71 -1.78
N ILE B 85 7.50 22.78 -2.72
CA ILE B 85 8.50 22.64 -3.75
C ILE B 85 7.84 22.28 -5.08
N GLY B 86 7.71 23.29 -5.94
CA GLY B 86 7.41 23.07 -7.35
C GLY B 86 8.72 22.94 -8.08
N SER B 87 8.74 22.16 -9.16
CA SER B 87 9.97 21.95 -9.92
C SER B 87 9.72 21.51 -11.37
N TRP B 88 10.69 21.78 -12.25
CA TRP B 88 10.72 21.09 -13.53
C TRP B 88 12.13 20.67 -13.91
N ILE B 89 12.22 19.52 -14.56
CA ILE B 89 13.46 18.96 -15.07
C ILE B 89 13.23 18.53 -16.52
N HIS B 90 14.00 19.12 -17.43
CA HIS B 90 14.09 18.60 -18.80
C HIS B 90 15.50 18.13 -18.98
N CYS B 91 15.67 17.10 -19.80
CA CYS B 91 16.99 16.61 -20.16
C CYS B 91 16.91 15.83 -21.46
N SER B 98 13.44 11.53 -24.49
CA SER B 98 13.98 12.45 -23.49
C SER B 98 13.26 12.39 -22.10
N LEU B 99 13.45 13.43 -21.29
CA LEU B 99 13.01 13.41 -19.89
C LEU B 99 12.36 14.73 -19.52
N ASN B 100 11.04 14.68 -19.28
CA ASN B 100 10.31 15.83 -18.73
C ASN B 100 9.60 15.47 -17.42
N ILE B 101 10.04 16.15 -16.36
CA ILE B 101 9.48 15.96 -15.05
C ILE B 101 8.98 17.31 -14.63
N THR B 102 7.70 17.37 -14.31
CA THR B 102 7.13 18.52 -13.59
C THR B 102 6.49 17.98 -12.32
N SER B 103 6.61 18.74 -11.23
CA SER B 103 6.04 18.29 -9.96
C SER B 103 5.87 19.41 -8.95
N ILE B 104 4.91 19.21 -8.04
CA ILE B 104 4.65 20.07 -6.89
C ILE B 104 4.41 19.18 -5.66
N SER B 105 5.38 19.22 -4.73
CA SER B 105 5.27 18.49 -3.47
C SER B 105 5.00 19.49 -2.36
N GLY B 106 4.18 19.08 -1.41
CA GLY B 106 3.95 19.84 -0.17
C GLY B 106 4.39 18.92 0.95
N PHE B 107 5.23 19.43 1.85
CA PHE B 107 5.77 18.67 2.96
C PHE B 107 5.41 19.35 4.28
N LEU B 108 4.54 18.75 5.08
CA LEU B 108 4.21 19.33 6.40
C LEU B 108 5.29 19.02 7.47
N ASN B 109 5.29 19.81 8.55
CA ASN B 109 6.21 19.59 9.67
C ASN B 109 5.55 18.85 10.85
N SER B 110 6.27 18.74 11.95
CA SER B 110 5.81 17.93 13.08
C SER B 110 4.79 18.59 14.02
N SER B 111 4.47 19.86 13.78
CA SER B 111 3.41 20.54 14.53
C SER B 111 2.04 19.99 14.18
N THR B 112 1.98 19.36 13.01
CA THR B 112 0.77 18.76 12.49
C THR B 112 1.11 17.33 12.11
N LYS B 113 0.16 16.40 12.18
CA LYS B 113 0.41 15.06 11.69
C LYS B 113 -0.32 14.81 10.36
N ALA B 114 -0.89 15.87 9.77
CA ALA B 114 -1.75 15.74 8.59
C ALA B 114 -0.94 15.35 7.33
N PRO B 115 -1.62 14.73 6.32
CA PRO B 115 -0.95 14.23 5.10
C PRO B 115 -0.21 15.32 4.33
N ASN B 116 0.87 14.90 3.68
CA ASN B 116 1.54 15.69 2.66
C ASN B 116 0.76 15.79 1.31
N PHE B 117 1.41 16.36 0.30
CA PHE B 117 0.85 16.53 -1.05
C PHE B 117 1.92 16.25 -2.06
N VAL B 118 1.57 15.53 -3.12
CA VAL B 118 2.48 15.24 -4.22
C VAL B 118 1.68 15.12 -5.53
N VAL B 119 2.19 15.78 -6.55
CA VAL B 119 1.81 15.51 -7.91
C VAL B 119 3.09 15.53 -8.73
N GLU B 120 3.36 14.43 -9.44
CA GLU B 120 4.47 14.37 -10.37
C GLU B 120 3.94 13.94 -11.73
N LEU B 121 4.45 14.58 -12.77
CA LEU B 121 4.23 14.06 -14.12
C LEU B 121 5.62 13.80 -14.63
N ILE B 122 5.87 12.52 -14.91
CA ILE B 122 7.18 12.06 -15.35
C ILE B 122 7.03 11.45 -16.74
N GLN B 123 7.71 12.05 -17.71
CA GLN B 123 7.73 11.54 -19.09
C GLN B 123 9.14 11.05 -19.41
N SER B 124 9.30 9.73 -19.50
CA SER B 124 10.62 9.13 -19.73
C SER B 124 10.64 8.13 -20.87
N SER B 125 9.66 8.29 -21.76
CA SER B 125 9.53 7.48 -22.97
C SER B 125 8.23 7.93 -23.61
N SER B 126 8.20 8.12 -24.92
CA SER B 126 6.90 8.35 -25.53
C SER B 126 6.15 7.03 -25.54
N LYS B 127 4.83 7.12 -25.72
CA LYS B 127 3.92 5.97 -25.61
C LYS B 127 3.52 5.82 -24.15
N SER B 128 3.99 6.75 -23.32
CA SER B 128 3.66 6.79 -21.90
C SER B 128 3.95 8.11 -21.17
N LEU B 129 3.15 8.33 -20.14
CA LEU B 129 3.37 9.39 -19.17
C LEU B 129 3.00 8.84 -17.78
N VAL B 130 3.88 9.05 -16.81
CA VAL B 130 3.61 8.60 -15.45
C VAL B 130 3.05 9.74 -14.64
N LEU B 131 1.87 9.52 -14.09
CA LEU B 131 1.33 10.43 -13.10
C LEU B 131 1.37 9.81 -11.71
N ILE B 132 1.83 10.59 -10.75
CA ILE B 132 1.71 10.26 -9.34
C ILE B 132 1.01 11.44 -8.66
N LEU B 133 -0.19 11.19 -8.13
CA LEU B 133 -1.01 12.17 -7.49
C LEU B 133 -1.50 11.56 -6.15
N ASP B 134 -1.06 12.15 -5.03
CA ASP B 134 -1.34 11.60 -3.69
C ASP B 134 -1.35 12.65 -2.61
N LEU B 135 -2.05 12.32 -1.54
CA LEU B 135 -1.81 12.91 -0.23
C LEU B 135 -1.09 11.87 0.64
N PRO B 136 0.26 11.81 0.59
CA PRO B 136 0.98 10.75 1.34
C PRO B 136 0.73 10.80 2.84
N HIS B 137 0.32 9.67 3.40
CA HIS B 137 0.01 9.54 4.84
C HIS B 137 1.22 9.79 5.74
N ARG B 138 0.99 10.32 6.92
CA ARG B 138 2.13 10.55 7.81
C ARG B 138 2.06 9.72 9.09
N LYS B 139 1.07 8.84 9.15
CA LYS B 139 0.85 7.98 10.30
C LYS B 139 0.54 6.60 9.79
N ASP B 140 0.94 5.57 10.53
CA ASP B 140 0.66 4.19 10.12
C ASP B 140 -0.85 4.04 10.10
N LEU B 141 -1.36 3.56 8.96
CA LEU B 141 -2.79 3.52 8.69
C LEU B 141 -3.53 2.38 9.40
N VAL B 142 -2.82 1.32 9.74
CA VAL B 142 -3.42 0.20 10.46
C VAL B 142 -3.51 0.52 11.95
N LEU B 143 -2.49 1.20 12.47
CA LEU B 143 -2.41 1.61 13.87
C LEU B 143 -3.23 2.86 14.17
N ASN B 144 -3.50 3.66 13.13
CA ASN B 144 -4.35 4.83 13.26
C ASN B 144 -5.52 4.79 12.28
N PRO B 145 -6.54 3.96 12.58
CA PRO B 145 -7.67 3.78 11.66
C PRO B 145 -8.47 5.08 11.52
N ASP B 146 -8.36 5.91 12.55
CA ASP B 146 -9.08 7.17 12.57
C ASP B 146 -8.42 8.20 11.66
N TYR B 147 -7.10 8.09 11.52
CA TYR B 147 -6.33 8.82 10.51
C TYR B 147 -6.76 8.38 9.10
N LEU B 148 -6.90 7.08 8.89
CA LEU B 148 -7.34 6.56 7.61
C LEU B 148 -8.72 7.12 7.25
N LYS B 149 -9.60 7.20 8.24
CA LYS B 149 -10.94 7.69 8.04
C LYS B 149 -10.93 9.15 7.66
N GLU B 150 -10.32 9.99 8.50
CA GLU B 150 -10.43 11.43 8.35
C GLU B 150 -9.89 11.87 7.01
N TYR B 151 -8.75 11.33 6.63
CA TYR B 151 -8.02 11.85 5.48
C TYR B 151 -8.26 11.11 4.14
N TYR B 152 -8.74 9.86 4.17
CA TYR B 152 -8.90 9.06 2.94
C TYR B 152 -10.34 8.63 2.67
N GLN B 153 -11.07 8.23 3.70
CA GLN B 153 -12.43 7.78 3.53
C GLN B 153 -13.36 9.01 3.50
N ASP B 154 -13.31 9.82 4.54
CA ASP B 154 -14.16 11.01 4.64
C ASP B 154 -14.04 11.97 3.43
N THR B 155 -12.87 11.95 2.79
CA THR B 155 -12.53 12.85 1.69
C THR B 155 -12.84 12.29 0.30
N ALA B 156 -13.12 11.00 0.22
CA ALA B 156 -13.41 10.31 -1.04
C ALA B 156 -12.23 10.34 -2.05
N LEU B 157 -11.01 10.44 -1.54
CA LEU B 157 -9.82 10.54 -2.40
C LEU B 157 -9.68 9.44 -3.45
N ASP B 158 -10.16 8.25 -3.12
CA ASP B 158 -10.09 7.11 -4.03
C ASP B 158 -10.85 7.26 -5.35
N SER B 159 -11.87 8.11 -5.36
CA SER B 159 -12.72 8.35 -6.52
C SER B 159 -11.95 8.90 -7.73
N HIS B 160 -10.89 9.67 -7.45
CA HIS B 160 -10.02 10.24 -8.49
C HIS B 160 -9.23 9.15 -9.18
N ARG B 161 -8.66 8.27 -8.37
CA ARG B 161 -7.93 7.10 -8.84
C ARG B 161 -8.83 6.19 -9.69
N GLN B 162 -9.97 5.77 -9.14
CA GLN B 162 -10.96 4.96 -9.85
C GLN B 162 -11.42 5.54 -11.18
N SER B 163 -11.72 6.84 -11.19
CA SER B 163 -12.27 7.53 -12.37
C SER B 163 -11.27 7.55 -13.55
N LEU B 164 -10.09 8.11 -13.32
CA LEU B 164 -8.99 8.15 -14.28
C LEU B 164 -8.72 6.80 -14.93
N LEU B 165 -8.87 5.76 -14.15
CA LEU B 165 -8.49 4.42 -14.51
C LEU B 165 -9.53 3.75 -15.43
N LYS B 166 -10.77 4.23 -15.40
CA LYS B 166 -11.78 3.84 -16.37
C LYS B 166 -11.23 4.06 -17.78
N LEU B 167 -10.62 5.22 -18.01
CA LEU B 167 -10.05 5.56 -19.30
C LEU B 167 -9.16 4.43 -19.81
N PRO B 168 -9.41 3.99 -21.06
CA PRO B 168 -8.69 2.88 -21.71
C PRO B 168 -7.21 3.15 -21.93
N GLU B 169 -6.85 4.42 -21.95
CA GLU B 169 -5.47 4.86 -22.13
C GLU B 169 -4.72 4.86 -20.79
N VAL B 170 -5.47 4.68 -19.70
CA VAL B 170 -4.91 4.84 -18.35
C VAL B 170 -4.81 3.52 -17.63
N ASN B 171 -3.59 3.12 -17.33
CA ASN B 171 -3.33 1.87 -16.64
C ASN B 171 -2.66 2.11 -15.31
N PRO B 172 -2.77 1.16 -14.37
CA PRO B 172 -2.03 1.35 -13.12
C PRO B 172 -0.52 1.30 -13.32
N TYR B 173 0.20 2.03 -12.48
CA TYR B 173 1.64 1.99 -12.52
C TYR B 173 2.19 1.46 -11.18
N VAL B 174 2.93 0.36 -11.26
CA VAL B 174 3.56 -0.23 -10.08
C VAL B 174 5.04 0.07 -10.07
N SER B 175 5.46 0.83 -9.07
CA SER B 175 6.83 1.28 -8.91
C SER B 175 7.82 0.16 -8.67
N PRO B 176 9.05 0.32 -9.19
CA PRO B 176 10.14 -0.61 -8.90
C PRO B 176 10.60 -0.50 -7.45
N SER B 177 10.43 0.68 -6.87
CA SER B 177 10.80 0.89 -5.49
C SER B 177 9.70 0.37 -4.57
N LEU B 178 10.09 -0.47 -3.60
CA LEU B 178 9.15 -0.91 -2.59
C LEU B 178 8.96 0.18 -1.58
N PHE B 179 9.91 1.11 -1.52
CA PHE B 179 9.74 2.29 -0.69
C PHE B 179 8.62 3.17 -1.22
N VAL B 180 8.52 3.37 -2.52
CA VAL B 180 7.43 4.26 -2.96
C VAL B 180 6.06 3.57 -2.90
N ARG B 181 6.05 2.24 -2.98
CA ARG B 181 4.80 1.51 -2.81
C ARG B 181 4.28 1.67 -1.37
N SER B 182 5.18 1.61 -0.38
CA SER B 182 4.81 1.75 1.03
C SER B 182 4.50 3.19 1.43
N ALA B 183 5.09 4.16 0.73
CA ALA B 183 5.06 5.55 1.23
C ALA B 183 3.87 6.38 0.71
N PHE B 184 3.20 5.82 -0.30
CA PHE B 184 2.05 6.45 -0.89
C PHE B 184 0.79 5.83 -0.35
N SER B 185 -0.26 6.63 -0.21
CA SER B 185 -1.47 6.21 0.46
C SER B 185 -2.27 5.17 -0.34
N PRO B 186 -3.22 4.47 0.31
CA PRO B 186 -4.01 3.47 -0.39
C PRO B 186 -4.92 4.04 -1.47
N THR B 187 -5.01 5.36 -1.56
CA THR B 187 -5.88 5.98 -2.55
C THR B 187 -5.07 6.65 -3.64
N ALA B 188 -3.75 6.54 -3.52
CA ALA B 188 -2.81 7.21 -4.42
C ALA B 188 -3.04 6.84 -5.88
N SER B 189 -3.14 7.86 -6.73
CA SER B 189 -3.15 7.69 -8.20
C SER B 189 -1.73 7.50 -8.70
N MET B 190 -1.37 6.24 -8.87
CA MET B 190 -0.09 5.85 -9.42
C MET B 190 -0.50 5.31 -10.77
N LEU B 191 -0.39 6.14 -11.80
CA LEU B 191 -0.95 5.79 -13.11
C LEU B 191 -0.02 6.01 -14.29
N LYS B 192 -0.09 5.09 -15.24
CA LYS B 192 0.58 5.19 -16.52
C LYS B 192 -0.43 5.53 -17.60
N ILE B 193 -0.20 6.64 -18.27
CA ILE B 193 -1.07 7.08 -19.37
C ILE B 193 -0.33 6.83 -20.66
N ASP B 194 -0.95 6.11 -21.58
CA ASP B 194 -0.28 5.80 -22.84
C ASP B 194 -0.55 6.88 -23.87
N ALA B 195 0.51 7.57 -24.27
CA ALA B 195 0.42 8.60 -25.29
C ALA B 195 0.35 7.98 -26.70
N GLU B 196 -0.82 7.43 -27.04
CA GLU B 196 -1.06 6.92 -28.39
C GLU B 196 -0.66 7.99 -29.38
N GLU B 197 -1.24 9.18 -29.19
CA GLU B 197 -0.93 10.38 -29.94
C GLU B 197 -1.17 11.59 -29.06
N GLU B 198 -0.33 12.61 -29.23
CA GLU B 198 -0.38 13.87 -28.47
C GLU B 198 -1.77 14.42 -28.23
N ASP B 199 -2.62 14.38 -29.25
CA ASP B 199 -4.01 14.89 -29.13
C ASP B 199 -4.88 14.19 -28.06
N LYS B 200 -4.77 12.87 -27.96
CA LYS B 200 -5.53 12.12 -26.95
C LYS B 200 -4.91 12.32 -25.56
N LEU B 201 -3.59 12.23 -25.48
CA LEU B 201 -2.89 12.57 -24.26
C LEU B 201 -3.35 13.94 -23.74
N GLU B 202 -3.20 14.98 -24.57
CA GLU B 202 -3.64 16.34 -24.22
C GLU B 202 -5.07 16.40 -23.67
N GLU B 203 -5.99 15.74 -24.38
CA GLU B 203 -7.37 15.63 -23.94
C GLU B 203 -7.43 15.14 -22.48
N ILE B 204 -6.80 14.00 -22.21
CA ILE B 204 -6.77 13.40 -20.86
C ILE B 204 -6.21 14.37 -19.81
N LEU B 205 -5.05 14.95 -20.10
CA LEU B 205 -4.44 15.98 -19.26
C LEU B 205 -5.37 17.14 -18.90
N ARG B 206 -5.88 17.81 -19.93
CA ARG B 206 -6.76 18.98 -19.76
C ARG B 206 -8.09 18.62 -19.11
N ASP B 207 -8.71 17.53 -19.53
CA ASP B 207 -10.08 17.21 -19.16
C ASP B 207 -10.22 16.16 -18.07
N HIS B 208 -9.11 15.57 -17.63
CA HIS B 208 -9.17 14.53 -16.61
C HIS B 208 -8.13 14.67 -15.48
N VAL B 209 -6.85 14.74 -15.83
CA VAL B 209 -5.78 14.89 -14.85
C VAL B 209 -5.85 16.22 -14.10
N SER B 210 -6.04 17.29 -14.88
CA SER B 210 -6.07 18.64 -14.34
C SER B 210 -7.14 18.83 -13.27
N PRO B 211 -8.42 18.49 -13.55
CA PRO B 211 -9.42 18.63 -12.47
C PRO B 211 -9.19 17.71 -11.25
N ALA B 212 -8.57 16.56 -11.46
CA ALA B 212 -8.30 15.60 -10.41
C ALA B 212 -7.21 16.15 -9.50
N ALA B 213 -6.14 16.67 -10.09
CA ALA B 213 -5.05 17.29 -9.36
C ALA B 213 -5.54 18.51 -8.57
N LYS B 214 -6.34 19.35 -9.20
CA LYS B 214 -6.92 20.51 -8.53
C LYS B 214 -7.80 20.09 -7.35
N GLU B 215 -8.58 19.05 -7.53
CA GLU B 215 -9.48 18.65 -6.47
C GLU B 215 -8.73 18.04 -5.25
N VAL B 216 -7.67 17.31 -5.55
CA VAL B 216 -6.83 16.72 -4.52
C VAL B 216 -6.12 17.83 -3.73
N LEU B 217 -5.52 18.79 -4.45
CA LEU B 217 -4.97 20.01 -3.88
C LEU B 217 -5.96 20.72 -2.99
N GLU B 218 -7.17 20.93 -3.48
CA GLU B 218 -8.26 21.48 -2.65
C GLU B 218 -8.51 20.73 -1.36
N VAL B 219 -8.44 19.40 -1.38
CA VAL B 219 -8.59 18.61 -0.16
C VAL B 219 -7.35 18.81 0.72
N TRP B 220 -6.21 19.05 0.11
CA TRP B 220 -5.04 19.26 0.93
C TRP B 220 -5.19 20.56 1.70
N LEU B 221 -5.34 21.67 0.98
CA LEU B 221 -5.42 22.97 1.54
C LEU B 221 -6.49 23.06 2.62
N GLU B 222 -7.65 22.48 2.36
CA GLU B 222 -8.83 22.67 3.17
C GLU B 222 -9.01 21.63 4.28
N ARG B 223 -8.40 20.48 4.12
CA ARG B 223 -8.68 19.39 5.03
C ARG B 223 -7.41 18.89 5.70
N CYS B 224 -6.25 19.32 5.21
CA CYS B 224 -4.95 18.87 5.73
C CYS B 224 -4.11 19.97 6.34
N VAL B 225 -3.91 21.07 5.61
CA VAL B 225 -3.17 22.22 6.15
C VAL B 225 -4.02 23.24 6.92
N LYS B 226 -5.31 23.28 6.61
CA LYS B 226 -6.25 24.12 7.34
C LYS B 226 -6.45 23.55 8.75
N GLU B 227 -6.12 24.36 9.75
CA GLU B 227 -6.29 23.97 11.16
C GLU B 227 -7.76 23.75 11.51
N GLU B 228 -8.02 22.70 12.29
CA GLU B 228 -9.34 22.50 12.90
C GLU B 228 -9.51 23.49 14.06
N GLU B 229 -10.71 23.59 14.62
CA GLU B 229 -11.07 24.63 15.60
C GLU B 229 -10.17 24.69 16.86
N GLU B 230 -10.69 24.22 18.00
CA GLU B 230 -9.91 24.16 19.24
C GLU B 230 -9.03 22.89 19.28
N LYS B 231 -8.56 22.47 18.10
CA LYS B 231 -7.87 21.18 17.95
C LYS B 231 -6.39 21.13 18.39
N ILE B 232 -6.02 19.92 18.85
CA ILE B 232 -4.90 19.70 19.77
C ILE B 232 -3.47 19.85 19.21
N VAL B 233 -2.51 19.74 20.13
CA VAL B 233 -1.08 19.92 19.85
C VAL B 233 -0.36 18.57 19.83
N VAL B 234 0.67 18.45 19.02
CA VAL B 234 1.38 17.19 18.88
C VAL B 234 2.45 17.07 19.98
N GLY B 235 2.16 16.18 20.93
CA GLY B 235 2.79 16.18 22.24
C GLY B 235 4.18 15.63 22.35
N GLU B 236 4.57 15.38 23.62
CA GLU B 236 5.86 14.82 24.03
C GLU B 236 6.88 14.75 22.88
N GLU B 237 6.82 13.66 22.12
CA GLU B 237 7.34 13.60 20.75
C GLU B 237 6.91 12.38 19.91
N GLU B 238 5.60 12.37 19.62
CA GLU B 238 5.09 11.86 18.37
C GLU B 238 5.73 12.73 17.28
N ARG B 239 6.13 13.95 17.68
CA ARG B 239 6.94 14.84 16.84
C ARG B 239 8.29 14.23 16.49
N MET B 240 8.83 13.42 17.39
CA MET B 240 10.07 12.70 17.15
C MET B 240 9.86 11.61 16.10
N GLU B 241 8.74 10.90 16.22
CA GLU B 241 8.30 9.92 15.23
C GLU B 241 8.12 10.62 13.87
N LEU B 242 7.22 11.61 13.85
CA LEU B 242 6.97 12.44 12.65
C LEU B 242 8.25 12.97 12.01
N GLU B 243 9.13 13.60 12.76
CA GLU B 243 10.41 14.04 12.20
C GLU B 243 11.25 12.93 11.60
N ARG B 244 11.26 11.75 12.24
CA ARG B 244 12.02 10.63 11.68
C ARG B 244 11.39 10.06 10.40
N ARG B 245 10.06 9.99 10.35
CA ARG B 245 9.33 9.49 9.17
C ARG B 245 9.48 10.43 7.97
N ASP B 246 9.35 11.72 8.25
CA ASP B 246 9.44 12.76 7.23
C ASP B 246 10.81 12.81 6.62
N LYS B 247 11.83 12.81 7.48
CA LYS B 247 13.20 12.88 7.04
C LYS B 247 13.52 11.73 6.08
N SER B 248 13.17 10.51 6.49
CA SER B 248 13.42 9.36 5.64
C SER B 248 12.64 9.43 4.32
N PHE B 249 11.40 9.92 4.37
CA PHE B 249 10.55 10.08 3.19
C PHE B 249 11.18 11.06 2.19
N ARG B 250 11.53 12.25 2.69
CA ARG B 250 12.23 13.27 1.88
C ARG B 250 13.58 12.80 1.34
N ARG B 251 14.30 12.04 2.16
CA ARG B 251 15.62 11.55 1.80
C ARG B 251 15.51 10.56 0.66
N LYS B 252 14.63 9.56 0.80
CA LYS B 252 14.43 8.58 -0.26
C LYS B 252 13.72 9.17 -1.49
N SER B 253 13.07 10.34 -1.34
CA SER B 253 12.44 11.03 -2.48
C SER B 253 13.42 11.62 -3.49
N ILE B 254 14.66 11.86 -3.06
CA ILE B 254 15.64 12.60 -3.85
C ILE B 254 17.05 12.04 -3.91
N GLU B 255 17.43 11.19 -2.95
CA GLU B 255 18.86 10.89 -2.73
C GLU B 255 19.58 10.16 -3.85
N ASP B 256 18.92 9.18 -4.48
CA ASP B 256 19.48 8.47 -5.63
C ASP B 256 19.49 9.31 -6.90
N ASP B 257 18.49 10.18 -7.04
CA ASP B 257 18.47 11.17 -8.13
C ASP B 257 19.60 12.19 -7.98
N LEU B 258 19.78 12.68 -6.75
CA LEU B 258 20.79 13.66 -6.43
C LEU B 258 22.23 13.11 -6.42
N ASP B 259 22.38 11.79 -6.31
CA ASP B 259 23.70 11.20 -6.16
C ASP B 259 24.18 10.49 -7.42
N LEU B 260 23.25 10.21 -8.33
CA LEU B 260 23.56 9.47 -9.55
C LEU B 260 23.06 10.15 -10.84
N GLN B 261 21.80 10.61 -10.82
CA GLN B 261 21.21 11.23 -12.02
C GLN B 261 21.74 12.64 -12.29
N PHE B 262 21.99 13.40 -11.22
CA PHE B 262 22.45 14.78 -11.32
C PHE B 262 23.81 14.99 -12.00
N PRO B 263 24.81 14.15 -11.66
CA PRO B 263 26.06 14.25 -12.43
C PRO B 263 25.84 13.70 -13.82
N ARG B 264 25.12 12.59 -13.92
CA ARG B 264 24.79 11.92 -15.17
C ARG B 264 24.13 12.82 -16.19
N MET B 265 23.68 13.99 -15.75
CA MET B 265 22.76 14.79 -16.53
C MET B 265 23.22 16.21 -16.73
N PHE B 266 23.60 16.87 -15.63
CA PHE B 266 24.05 18.24 -15.65
C PHE B 266 25.55 18.40 -15.83
N GLY B 267 26.31 17.41 -15.35
CA GLY B 267 27.75 17.39 -15.56
C GLY B 267 28.52 16.83 -14.37
N GLU B 268 29.11 17.73 -13.59
CA GLU B 268 29.98 17.34 -12.47
C GLU B 268 30.21 18.46 -11.47
N GLU B 269 30.51 19.66 -11.97
CA GLU B 269 30.77 20.81 -11.11
C GLU B 269 29.49 21.63 -10.88
N VAL B 270 28.65 21.72 -11.92
CA VAL B 270 27.32 22.29 -11.78
C VAL B 270 26.57 21.46 -10.73
N SER B 271 26.71 20.14 -10.87
CA SER B 271 26.17 19.17 -9.92
C SER B 271 26.75 19.43 -8.53
N SER B 272 28.07 19.49 -8.44
CA SER B 272 28.75 19.71 -7.16
C SER B 272 28.29 21.00 -6.49
N ARG B 273 28.18 22.07 -7.29
CA ARG B 273 27.66 23.35 -6.82
C ARG B 273 26.18 23.30 -6.40
N VAL B 274 25.42 22.32 -6.91
CA VAL B 274 23.98 22.33 -6.71
C VAL B 274 23.36 21.31 -5.74
N VAL B 275 23.88 20.08 -5.69
CA VAL B 275 23.25 18.98 -4.92
C VAL B 275 23.33 19.11 -3.39
N HIS B 276 24.31 19.86 -2.89
CA HIS B 276 24.43 20.01 -1.44
C HIS B 276 23.36 20.98 -0.99
N ALA B 277 23.23 22.07 -1.76
CA ALA B 277 22.28 23.13 -1.46
C ALA B 277 20.88 22.57 -1.50
N ILE B 278 20.64 21.60 -2.39
CA ILE B 278 19.36 20.89 -2.47
C ILE B 278 19.09 20.12 -1.18
N LYS B 279 19.91 19.11 -0.88
CA LYS B 279 19.76 18.31 0.35
C LYS B 279 19.50 19.21 1.56
N GLU B 280 20.27 20.29 1.67
CA GLU B 280 20.12 21.27 2.74
C GLU B 280 18.72 21.88 2.72
N ALA B 281 18.28 22.28 1.52
CA ALA B 281 16.97 22.92 1.34
C ALA B 281 15.87 21.94 1.66
N PHE B 282 16.11 20.68 1.32
CA PHE B 282 15.22 19.57 1.60
C PHE B 282 15.34 19.04 3.02
N GLY B 283 16.34 19.53 3.75
CA GLY B 283 16.53 19.22 5.17
C GLY B 283 16.79 17.76 5.48
N VAL B 284 17.61 17.11 4.66
CA VAL B 284 17.94 15.69 4.80
C VAL B 284 19.43 15.49 5.11
NA NA C . -2.24 -10.37 -17.01
S SO4 D . -12.51 0.11 4.80
O1 SO4 D . -13.05 -1.24 4.67
O2 SO4 D . -12.85 0.52 6.15
O3 SO4 D . -11.06 0.12 4.62
O4 SO4 D . -13.04 1.02 3.79
NA NA E . -7.81 1.64 -17.64
S SO4 F . 13.94 0.83 -2.87
O1 SO4 F . 13.53 0.94 -1.46
O2 SO4 F . 13.60 2.04 -3.58
O3 SO4 F . 15.40 0.70 -2.92
O4 SO4 F . 13.33 -0.36 -3.49
#